data_7MU8
#
_entry.id   7MU8
#
_cell.length_a   93.455
_cell.length_b   93.455
_cell.length_c   134.665
_cell.angle_alpha   90.000
_cell.angle_beta   90.000
_cell.angle_gamma   120.000
#
_symmetry.space_group_name_H-M   'H 3 2'
#
loop_
_entity.id
_entity.type
_entity.pdbx_description
1 polymer 'Carcinoembryonic antigen-related cell adhesion molecule 1'
2 non-polymer 2-acetamido-2-deoxy-beta-D-glucopyranose
3 non-polymer GLYCEROL
4 non-polymer 'SULFATE ION'
5 water water
#
_entity_poly.entity_id   1
_entity_poly.type   'polypeptide(L)'
_entity_poly.pdbx_seq_one_letter_code
;QLTTESMPFNVAEGKEVLLLVHNLPQQLFGYSWYKGERVDGNRQIVGYAIGTQQATPGPANSGRETIYPNASLLIQNVTQ
NDTGFYTLQVIKSDLVNEEATGQFHVY
;
_entity_poly.pdbx_strand_id   A,B
#
# COMPACT_ATOMS: atom_id res chain seq x y z
N GLN A 1 -9.10 -3.27 13.11
CA GLN A 1 -9.58 -4.64 13.30
C GLN A 1 -8.51 -5.64 12.85
N LEU A 2 -8.03 -5.48 11.61
CA LEU A 2 -6.91 -6.29 11.13
C LEU A 2 -5.73 -6.17 12.07
N THR A 3 -5.29 -7.29 12.63
CA THR A 3 -4.19 -7.26 13.60
C THR A 3 -3.21 -8.39 13.30
N THR A 4 -1.98 -8.21 13.74
CA THR A 4 -0.99 -9.26 13.71
C THR A 4 -0.67 -9.68 15.14
N GLU A 5 -0.13 -10.88 15.26
CA GLU A 5 0.30 -11.41 16.55
C GLU A 5 1.58 -12.20 16.34
N SER A 6 2.65 -11.81 17.01
CA SER A 6 3.92 -12.51 16.88
C SER A 6 3.91 -13.75 17.77
N MET A 7 4.25 -14.90 17.19
CA MET A 7 4.26 -16.20 17.86
C MET A 7 5.64 -16.83 17.69
N PRO A 8 6.51 -16.76 18.70
CA PRO A 8 6.34 -16.02 19.97
C PRO A 8 6.72 -14.55 19.83
N PHE A 9 6.37 -13.71 20.81
CA PHE A 9 6.80 -12.32 20.76
C PHE A 9 8.29 -12.16 21.00
N ASN A 10 8.83 -12.84 22.01
CA ASN A 10 10.27 -12.81 22.24
C ASN A 10 10.86 -14.02 21.54
N VAL A 11 11.79 -13.77 20.62
CA VAL A 11 12.33 -14.80 19.74
C VAL A 11 13.83 -14.90 19.97
N ALA A 12 14.30 -16.12 20.27
CA ALA A 12 15.72 -16.34 20.47
C ALA A 12 16.48 -16.28 19.15
N GLU A 13 17.64 -15.66 19.20
CA GLU A 13 18.49 -15.53 18.01
C GLU A 13 18.72 -16.88 17.35
N GLY A 14 18.49 -16.93 16.03
CA GLY A 14 18.60 -18.15 15.28
C GLY A 14 17.32 -18.97 15.21
N LYS A 15 16.30 -18.65 15.99
CA LYS A 15 15.05 -19.40 15.95
C LYS A 15 14.08 -18.73 14.98
N GLU A 16 12.83 -19.15 15.00
CA GLU A 16 11.83 -18.71 14.03
C GLU A 16 10.70 -17.97 14.72
N VAL A 17 9.94 -17.21 13.93
CA VAL A 17 8.78 -16.46 14.42
C VAL A 17 7.69 -16.54 13.38
N LEU A 18 6.44 -16.70 13.82
CA LEU A 18 5.30 -16.72 12.91
C LEU A 18 4.43 -15.52 13.22
N LEU A 19 4.21 -14.66 12.24
CA LEU A 19 3.32 -13.52 12.40
C LEU A 19 1.94 -13.98 11.96
N LEU A 20 1.08 -14.21 12.97
CA LEU A 20 -0.30 -14.66 12.68
C LEU A 20 -1.10 -13.44 12.24
N VAL A 21 -2.01 -13.63 11.30
CA VAL A 21 -2.85 -12.50 10.85
C VAL A 21 -4.30 -12.76 11.26
N HIS A 22 -4.92 -11.78 11.93
CA HIS A 22 -6.32 -11.92 12.39
C HIS A 22 -7.20 -10.85 11.76
N ASN A 23 -8.50 -11.11 11.68
CA ASN A 23 -9.49 -10.12 11.17
C ASN A 23 -9.24 -9.76 9.70
N LEU A 24 -8.91 -10.75 8.87
CA LEU A 24 -8.72 -10.55 7.42
C LEU A 24 -10.06 -10.18 6.77
N PRO A 25 -10.13 -9.20 5.84
CA PRO A 25 -11.36 -8.89 5.12
C PRO A 25 -11.82 -9.98 4.14
N GLN A 26 -13.13 -10.02 3.84
CA GLN A 26 -13.70 -11.11 2.99
C GLN A 26 -13.29 -11.11 1.52
N GLN A 27 -13.30 -9.96 0.82
CA GLN A 27 -13.06 -9.95 -0.64
C GLN A 27 -11.66 -9.39 -0.92
N LEU A 28 -10.72 -10.24 -1.34
CA LEU A 28 -9.33 -9.81 -1.39
C LEU A 28 -8.65 -10.16 -2.70
N PHE A 29 -7.71 -9.32 -3.12
CA PHE A 29 -6.83 -9.66 -4.22
C PHE A 29 -5.51 -10.26 -3.76
N GLY A 30 -4.99 -9.87 -2.59
CA GLY A 30 -3.71 -10.39 -2.19
C GLY A 30 -3.18 -9.70 -0.95
N TYR A 31 -1.94 -10.06 -0.60
CA TYR A 31 -1.28 -9.58 0.61
C TYR A 31 0.13 -9.12 0.30
N SER A 32 0.62 -8.19 1.11
CA SER A 32 2.01 -7.73 0.98
C SER A 32 2.62 -7.52 2.37
N TRP A 33 3.81 -8.05 2.60
CA TRP A 33 4.55 -7.80 3.84
C TRP A 33 5.77 -6.93 3.58
N TYR A 34 6.08 -6.02 4.52
CA TYR A 34 7.20 -5.09 4.44
C TYR A 34 8.02 -5.14 5.72
N LYS A 35 9.33 -4.94 5.58
CA LYS A 35 10.15 -4.64 6.75
C LYS A 35 9.99 -3.15 7.07
N GLY A 36 9.81 -2.85 8.35
CA GLY A 36 9.62 -1.48 8.79
C GLY A 36 8.16 -1.15 9.03
N GLU A 37 7.91 0.11 9.37
CA GLU A 37 6.57 0.55 9.73
C GLU A 37 5.81 1.15 8.55
N ARG A 38 6.39 1.16 7.35
CA ARG A 38 5.76 1.79 6.20
C ARG A 38 5.55 0.81 5.06
N VAL A 39 4.43 0.98 4.36
CA VAL A 39 4.29 0.34 3.06
C VAL A 39 5.26 1.05 2.12
N ASP A 40 6.27 0.34 1.63
CA ASP A 40 7.28 0.92 0.76
C ASP A 40 7.84 -0.19 -0.11
N GLY A 41 7.58 -0.11 -1.42
CA GLY A 41 8.01 -1.16 -2.33
C GLY A 41 9.49 -1.50 -2.20
N ASN A 42 10.30 -0.51 -1.81
CA ASN A 42 11.73 -0.75 -1.64
C ASN A 42 12.06 -1.68 -0.48
N ARG A 43 11.13 -1.86 0.45
CA ARG A 43 11.31 -2.70 1.63
C ARG A 43 10.33 -3.87 1.64
N GLN A 44 9.79 -4.23 0.48
CA GLN A 44 8.77 -5.28 0.45
C GLN A 44 9.43 -6.64 0.51
N ILE A 45 8.97 -7.46 1.45
CA ILE A 45 9.44 -8.82 1.58
C ILE A 45 8.80 -9.74 0.54
N VAL A 46 7.47 -9.67 0.39
CA VAL A 46 6.77 -10.61 -0.47
C VAL A 46 5.43 -10.03 -0.83
N GLY A 47 4.95 -10.37 -2.03
CA GLY A 47 3.57 -10.13 -2.44
C GLY A 47 2.93 -11.47 -2.75
N TYR A 48 1.68 -11.64 -2.36
CA TYR A 48 0.99 -12.91 -2.59
C TYR A 48 -0.31 -12.60 -3.31
N ALA A 49 -0.47 -13.17 -4.51
CA ALA A 49 -1.67 -12.97 -5.33
C ALA A 49 -2.60 -14.15 -5.13
N ILE A 50 -3.82 -13.85 -4.70
CA ILE A 50 -4.75 -14.91 -4.34
C ILE A 50 -5.21 -15.66 -5.58
N GLY A 51 -5.43 -14.92 -6.68
CA GLY A 51 -5.99 -15.55 -7.87
C GLY A 51 -5.05 -16.55 -8.54
N THR A 52 -3.78 -16.16 -8.72
CA THR A 52 -2.78 -17.10 -9.23
C THR A 52 -2.16 -17.96 -8.14
N GLN A 53 -2.51 -17.70 -6.88
CA GLN A 53 -2.03 -18.45 -5.71
C GLN A 53 -0.51 -18.43 -5.62
N GLN A 54 0.10 -17.31 -5.99
CA GLN A 54 1.54 -17.26 -6.17
C GLN A 54 2.17 -16.22 -5.25
N ALA A 55 3.29 -16.58 -4.64
CA ALA A 55 4.12 -15.66 -3.88
C ALA A 55 5.25 -15.16 -4.77
N THR A 56 5.54 -13.86 -4.69
CA THR A 56 6.61 -13.24 -5.47
C THR A 56 7.49 -12.47 -4.50
N PRO A 57 8.80 -12.73 -4.48
CA PRO A 57 9.67 -11.99 -3.55
C PRO A 57 9.82 -10.54 -3.96
N GLY A 58 9.91 -9.67 -2.96
CA GLY A 58 10.31 -8.29 -3.17
C GLY A 58 11.77 -8.08 -2.77
N PRO A 59 12.23 -6.83 -2.82
CA PRO A 59 13.65 -6.53 -2.54
C PRO A 59 14.13 -6.98 -1.18
N ALA A 60 13.26 -6.99 -0.17
CA ALA A 60 13.64 -7.33 1.19
C ALA A 60 13.55 -8.83 1.47
N ASN A 61 13.11 -9.63 0.51
CA ASN A 61 13.15 -11.09 0.69
C ASN A 61 14.58 -11.57 0.84
N SER A 62 14.82 -12.43 1.82
CA SER A 62 16.14 -12.95 2.07
C SER A 62 16.24 -14.44 1.88
N GLY A 63 15.14 -15.11 1.48
CA GLY A 63 15.09 -16.55 1.40
C GLY A 63 14.66 -17.22 2.68
N ARG A 64 14.47 -16.45 3.76
CA ARG A 64 14.12 -17.02 5.05
C ARG A 64 12.64 -16.92 5.35
N GLU A 65 11.88 -16.26 4.48
CA GLU A 65 10.49 -15.88 4.78
C GLU A 65 9.52 -16.72 3.95
N THR A 66 8.45 -17.18 4.59
CA THR A 66 7.36 -17.87 3.90
C THR A 66 6.03 -17.19 4.23
N ILE A 67 5.25 -16.86 3.21
CA ILE A 67 3.89 -16.36 3.45
C ILE A 67 2.91 -17.47 3.09
N TYR A 68 1.86 -17.59 3.89
CA TYR A 68 0.83 -18.60 3.73
C TYR A 68 -0.42 -17.99 3.12
N PRO A 69 -1.32 -18.82 2.58
CA PRO A 69 -2.52 -18.29 1.90
C PRO A 69 -3.44 -17.51 2.82
N ASN A 70 -3.29 -17.61 4.14
CA ASN A 70 -4.07 -16.81 5.07
C ASN A 70 -3.34 -15.57 5.52
N ALA A 71 -2.23 -15.22 4.85
CA ALA A 71 -1.41 -14.02 5.05
C ALA A 71 -0.41 -14.14 6.19
N SER A 72 -0.40 -15.24 6.96
CA SER A 72 0.59 -15.38 8.03
C SER A 72 2.01 -15.44 7.45
N LEU A 73 2.98 -14.89 8.18
CA LEU A 73 4.37 -14.83 7.70
C LEU A 73 5.32 -15.54 8.67
N LEU A 74 6.05 -16.52 8.15
CA LEU A 74 7.03 -17.25 8.93
C LEU A 74 8.40 -16.71 8.57
N ILE A 75 9.19 -16.34 9.58
CA ILE A 75 10.58 -15.94 9.36
C ILE A 75 11.48 -16.88 10.15
N GLN A 76 12.37 -17.57 9.44
CA GLN A 76 13.27 -18.52 10.06
C GLN A 76 14.63 -17.88 10.30
N ASN A 77 15.36 -18.38 11.30
CA ASN A 77 16.75 -17.99 11.54
C ASN A 77 16.91 -16.47 11.74
N VAL A 78 16.13 -15.91 12.66
CA VAL A 78 16.17 -14.46 12.90
C VAL A 78 17.50 -14.06 13.54
N THR A 79 17.91 -12.84 13.25
CA THR A 79 19.07 -12.22 13.88
C THR A 79 18.63 -10.94 14.59
N GLN A 80 19.52 -10.40 15.44
CA GLN A 80 19.19 -9.18 16.17
C GLN A 80 18.84 -8.04 15.21
N ASN A 81 19.38 -8.05 14.00
CA ASN A 81 19.08 -6.99 13.04
C ASN A 81 17.65 -7.08 12.49
N ASP A 82 16.98 -8.23 12.66
CA ASP A 82 15.60 -8.43 12.25
C ASP A 82 14.59 -7.90 13.24
N THR A 83 15.01 -7.51 14.43
CA THR A 83 14.07 -7.08 15.45
C THR A 83 13.36 -5.81 15.01
N GLY A 84 12.14 -5.62 15.51
CA GLY A 84 11.41 -4.39 15.32
C GLY A 84 10.14 -4.61 14.51
N PHE A 85 9.88 -3.66 13.61
CA PHE A 85 8.57 -3.45 12.99
C PHE A 85 8.49 -4.13 11.63
N TYR A 86 7.32 -4.71 11.37
CA TYR A 86 6.93 -5.29 10.08
C TYR A 86 5.53 -4.81 9.75
N THR A 87 5.23 -4.59 8.47
CA THR A 87 3.93 -4.07 8.09
C THR A 87 3.25 -4.99 7.08
N LEU A 88 2.01 -5.35 7.37
CA LEU A 88 1.18 -6.11 6.43
C LEU A 88 0.22 -5.15 5.74
N GLN A 89 0.08 -5.30 4.43
CA GLN A 89 -1.00 -4.61 3.74
C GLN A 89 -1.87 -5.67 3.07
N VAL A 90 -3.18 -5.52 3.22
N VAL A 90 -3.18 -5.57 3.27
CA VAL A 90 -4.14 -6.42 2.59
CA VAL A 90 -4.11 -6.44 2.57
C VAL A 90 -4.84 -5.62 1.49
C VAL A 90 -4.78 -5.60 1.48
N ILE A 91 -4.75 -6.11 0.26
CA ILE A 91 -5.34 -5.47 -0.91
C ILE A 91 -6.74 -6.03 -1.11
N LYS A 92 -7.74 -5.20 -0.87
CA LYS A 92 -9.12 -5.63 -1.07
C LYS A 92 -9.51 -5.48 -2.54
N SER A 93 -10.54 -6.24 -2.94
CA SER A 93 -10.97 -6.21 -4.34
C SER A 93 -11.55 -4.86 -4.76
N ASP A 94 -11.88 -3.95 -3.83
CA ASP A 94 -12.29 -2.60 -4.20
C ASP A 94 -11.14 -1.60 -4.11
N LEU A 95 -9.94 -2.07 -3.81
CA LEU A 95 -8.70 -1.31 -3.70
C LEU A 95 -8.74 -0.30 -2.56
N VAL A 96 -9.71 -0.41 -1.65
CA VAL A 96 -9.66 0.32 -0.40
C VAL A 96 -8.98 -0.60 0.61
N ASN A 97 -7.69 -0.38 0.82
CA ASN A 97 -6.81 -1.38 1.41
C ASN A 97 -6.60 -1.15 2.91
N GLU A 98 -6.07 -2.17 3.58
CA GLU A 98 -5.92 -2.07 5.03
C GLU A 98 -4.50 -2.45 5.42
N GLU A 99 -3.98 -1.84 6.49
CA GLU A 99 -2.63 -2.13 6.97
C GLU A 99 -2.64 -2.50 8.45
N ALA A 100 -1.64 -3.28 8.84
CA ALA A 100 -1.42 -3.60 10.25
C ALA A 100 0.08 -3.68 10.49
N THR A 101 0.58 -3.14 11.60
CA THR A 101 2.01 -3.18 11.84
C THR A 101 2.26 -4.05 13.07
N GLY A 102 3.10 -5.07 12.89
CA GLY A 102 3.49 -5.98 13.95
C GLY A 102 4.96 -5.80 14.31
N GLN A 103 5.36 -6.59 15.30
CA GLN A 103 6.63 -6.31 15.94
C GLN A 103 7.06 -7.56 16.69
N PHE A 104 8.36 -7.78 16.70
CA PHE A 104 8.88 -8.77 17.64
C PHE A 104 10.24 -8.32 18.11
N HIS A 105 10.73 -9.01 19.14
CA HIS A 105 11.97 -8.69 19.81
C HIS A 105 12.86 -9.93 19.81
N VAL A 106 14.06 -9.80 19.27
CA VAL A 106 15.03 -10.88 19.21
C VAL A 106 15.97 -10.73 20.40
N TYR A 107 16.18 -11.82 21.15
CA TYR A 107 17.06 -11.78 22.31
C TYR A 107 18.19 -12.80 22.14
N GLN B 1 10.43 5.05 -11.92
CA GLN B 1 9.88 5.28 -13.25
C GLN B 1 8.45 5.83 -13.15
N LEU B 2 7.60 5.12 -12.40
CA LEU B 2 6.27 5.66 -12.08
C LEU B 2 6.41 7.02 -11.42
N THR B 3 5.77 8.04 -12.01
N THR B 3 5.78 8.04 -12.01
CA THR B 3 5.82 9.39 -11.46
CA THR B 3 5.85 9.41 -11.52
C THR B 3 4.47 10.06 -11.63
C THR B 3 4.48 10.07 -11.65
N THR B 4 4.29 11.18 -10.91
CA THR B 4 3.12 12.01 -11.07
C THR B 4 3.53 13.42 -11.48
N GLU B 5 2.58 14.16 -12.05
CA GLU B 5 2.79 15.52 -12.49
C GLU B 5 1.52 16.32 -12.22
N SER B 6 1.62 17.37 -11.43
CA SER B 6 0.45 18.19 -11.11
C SER B 6 0.20 19.24 -12.19
N MET B 7 -1.05 19.36 -12.61
CA MET B 7 -1.48 20.31 -13.64
C MET B 7 -2.63 21.15 -13.10
N PRO B 8 -2.38 22.39 -12.66
CA PRO B 8 -1.06 23.03 -12.54
C PRO B 8 -0.38 22.66 -11.22
N PHE B 9 0.91 22.96 -11.07
CA PHE B 9 1.57 22.71 -9.79
C PHE B 9 1.10 23.71 -8.75
N ASN B 10 1.03 24.98 -9.12
CA ASN B 10 0.50 26.00 -8.24
C ASN B 10 -0.94 26.24 -8.67
N VAL B 11 -1.86 26.06 -7.71
CA VAL B 11 -3.29 26.04 -7.98
C VAL B 11 -3.95 27.18 -7.20
N ALA B 12 -4.75 27.98 -7.91
CA ALA B 12 -5.50 29.05 -7.26
C ALA B 12 -6.64 28.47 -6.45
N GLU B 13 -6.83 29.01 -5.25
CA GLU B 13 -7.89 28.58 -4.35
C GLU B 13 -9.23 28.57 -5.07
N GLY B 14 -9.96 27.45 -4.95
CA GLY B 14 -11.24 27.29 -5.61
C GLY B 14 -11.19 26.72 -7.02
N LYS B 15 -10.02 26.61 -7.65
CA LYS B 15 -9.91 26.03 -8.98
C LYS B 15 -9.59 24.53 -8.85
N GLU B 16 -9.26 23.88 -9.94
CA GLU B 16 -9.08 22.43 -9.95
C GLU B 16 -7.65 22.06 -10.33
N VAL B 17 -7.25 20.85 -9.95
CA VAL B 17 -5.91 20.38 -10.26
C VAL B 17 -6.02 18.93 -10.69
N LEU B 18 -5.25 18.56 -11.71
CA LEU B 18 -5.22 17.19 -12.20
C LEU B 18 -3.83 16.61 -11.95
N LEU B 19 -3.76 15.52 -11.20
CA LEU B 19 -2.53 14.79 -10.98
C LEU B 19 -2.41 13.75 -12.08
N LEU B 20 -1.53 14.03 -13.05
CA LEU B 20 -1.21 13.11 -14.12
C LEU B 20 -0.27 12.02 -13.64
N VAL B 21 -0.42 10.83 -14.20
CA VAL B 21 0.41 9.69 -13.83
C VAL B 21 1.15 9.18 -15.07
N HIS B 22 2.47 9.10 -14.97
CA HIS B 22 3.32 8.62 -16.04
C HIS B 22 4.01 7.31 -15.66
N ASN B 23 4.25 6.48 -16.69
CA ASN B 23 5.06 5.27 -16.59
C ASN B 23 4.37 4.21 -15.73
N LEU B 24 3.10 3.98 -16.01
CA LEU B 24 2.37 2.93 -15.32
C LEU B 24 3.00 1.58 -15.66
N PRO B 25 3.19 0.70 -14.68
CA PRO B 25 3.60 -0.66 -15.00
C PRO B 25 2.56 -1.30 -15.91
N GLN B 26 2.96 -2.38 -16.57
CA GLN B 26 2.15 -2.95 -17.64
C GLN B 26 0.96 -3.73 -17.09
N GLN B 27 1.14 -4.47 -16.00
CA GLN B 27 0.11 -5.43 -15.56
C GLN B 27 -0.37 -5.02 -14.18
N LEU B 28 -1.55 -4.42 -14.13
CA LEU B 28 -2.04 -3.76 -12.93
C LEU B 28 -3.42 -4.29 -12.61
N PHE B 29 -3.71 -4.39 -11.31
CA PHE B 29 -5.03 -4.69 -10.81
C PHE B 29 -5.80 -3.44 -10.40
N GLY B 30 -5.11 -2.38 -10.00
CA GLY B 30 -5.85 -1.21 -9.55
C GLY B 30 -4.93 -0.15 -9.02
N TYR B 31 -5.57 0.93 -8.55
CA TYR B 31 -4.88 2.14 -8.06
C TYR B 31 -5.45 2.55 -6.71
N SER B 32 -4.59 3.16 -5.90
CA SER B 32 -5.06 3.70 -4.62
C SER B 32 -4.39 5.04 -4.42
N TRP B 33 -5.16 6.08 -4.16
CA TRP B 33 -4.59 7.41 -3.88
C TRP B 33 -4.78 7.75 -2.41
N TYR B 34 -3.77 8.44 -1.84
CA TYR B 34 -3.74 8.84 -0.45
C TYR B 34 -3.38 10.31 -0.33
N LYS B 35 -3.91 10.97 0.69
CA LYS B 35 -3.40 12.27 1.11
C LYS B 35 -2.15 12.06 1.97
N GLY B 36 -1.13 12.87 1.76
CA GLY B 36 0.10 12.71 2.51
C GLY B 36 1.17 11.97 1.72
N GLU B 37 2.28 11.72 2.43
CA GLU B 37 3.46 11.13 1.83
C GLU B 37 3.55 9.62 2.02
N ARG B 38 2.55 9.00 2.68
CA ARG B 38 2.60 7.58 3.03
C ARG B 38 1.35 6.88 2.52
N VAL B 39 1.52 5.62 2.13
CA VAL B 39 0.36 4.75 2.01
C VAL B 39 -0.19 4.51 3.40
N ASP B 40 -1.42 4.95 3.64
CA ASP B 40 -2.04 4.83 4.95
C ASP B 40 -3.54 4.78 4.73
N GLY B 41 -4.15 3.62 5.02
CA GLY B 41 -5.59 3.45 4.81
C GLY B 41 -6.45 4.51 5.46
N ASN B 42 -6.01 5.06 6.60
CA ASN B 42 -6.78 6.09 7.28
C ASN B 42 -6.82 7.38 6.49
N ARG B 43 -5.92 7.55 5.52
CA ARG B 43 -5.86 8.76 4.69
C ARG B 43 -6.15 8.46 3.22
N GLN B 44 -6.79 7.33 2.89
CA GLN B 44 -7.01 6.97 1.50
C GLN B 44 -8.18 7.76 0.91
N ILE B 45 -7.93 8.39 -0.24
CA ILE B 45 -8.94 9.19 -0.94
C ILE B 45 -9.87 8.29 -1.73
N VAL B 46 -9.30 7.33 -2.47
CA VAL B 46 -10.08 6.51 -3.39
C VAL B 46 -9.31 5.26 -3.76
N GLY B 47 -10.05 4.18 -4.04
CA GLY B 47 -9.49 2.99 -4.67
C GLY B 47 -10.18 2.75 -6.00
N TYR B 48 -9.43 2.30 -6.99
CA TYR B 48 -9.96 2.02 -8.32
C TYR B 48 -9.58 0.61 -8.75
N ALA B 49 -10.59 -0.23 -9.01
CA ALA B 49 -10.37 -1.60 -9.46
C ALA B 49 -10.50 -1.66 -10.99
N ILE B 50 -9.43 -2.11 -11.66
CA ILE B 50 -9.35 -2.01 -13.12
C ILE B 50 -10.32 -2.97 -13.81
N GLY B 51 -10.45 -4.20 -13.29
CA GLY B 51 -11.28 -5.19 -13.99
C GLY B 51 -12.77 -4.85 -13.96
N THR B 52 -13.27 -4.44 -12.80
CA THR B 52 -14.65 -3.98 -12.70
C THR B 52 -14.82 -2.52 -13.09
N GLN B 53 -13.71 -1.81 -13.35
CA GLN B 53 -13.73 -0.39 -13.71
C GLN B 53 -14.43 0.45 -12.65
N GLN B 54 -14.18 0.15 -11.37
CA GLN B 54 -14.98 0.68 -10.27
C GLN B 54 -14.15 1.58 -9.35
N ALA B 55 -14.67 2.76 -9.07
CA ALA B 55 -14.09 3.67 -8.09
C ALA B 55 -14.88 3.60 -6.80
N THR B 56 -14.16 3.51 -5.66
CA THR B 56 -14.76 3.44 -4.34
C THR B 56 -14.07 4.46 -3.42
N PRO B 57 -14.79 5.33 -2.75
CA PRO B 57 -14.12 6.30 -1.88
C PRO B 57 -13.53 5.65 -0.64
N GLY B 58 -12.40 6.21 -0.20
CA GLY B 58 -11.89 5.90 1.13
C GLY B 58 -12.20 6.99 2.15
N PRO B 59 -11.66 6.86 3.36
CA PRO B 59 -11.98 7.81 4.44
C PRO B 59 -11.69 9.27 4.12
N ALA B 60 -10.67 9.58 3.33
CA ALA B 60 -10.29 10.95 3.02
C ALA B 60 -11.05 11.54 1.83
N ASN B 61 -11.88 10.76 1.17
CA ASN B 61 -12.68 11.32 0.09
C ASN B 61 -13.60 12.40 0.64
N SER B 62 -13.66 13.51 -0.07
CA SER B 62 -14.48 14.64 0.34
C SER B 62 -15.63 14.91 -0.61
N GLY B 63 -15.80 14.10 -1.65
CA GLY B 63 -16.82 14.45 -2.62
C GLY B 63 -16.33 15.38 -3.72
N ARG B 64 -15.04 15.73 -3.74
CA ARG B 64 -14.49 16.62 -4.76
C ARG B 64 -13.52 15.92 -5.73
N GLU B 65 -13.26 14.63 -5.54
CA GLU B 65 -12.19 13.94 -6.22
C GLU B 65 -12.73 12.98 -7.26
N THR B 66 -12.11 12.95 -8.43
CA THR B 66 -12.46 12.01 -9.49
C THR B 66 -11.20 11.22 -9.87
N ILE B 67 -11.30 9.90 -9.97
CA ILE B 67 -10.20 9.10 -10.51
C ILE B 67 -10.54 8.57 -11.90
N TYR B 68 -9.56 8.58 -12.81
CA TYR B 68 -9.72 8.13 -14.18
C TYR B 68 -9.07 6.77 -14.40
N PRO B 69 -9.45 6.08 -15.48
CA PRO B 69 -8.92 4.73 -15.72
C PRO B 69 -7.41 4.68 -15.92
N ASN B 70 -6.74 5.79 -16.22
CA ASN B 70 -5.29 5.79 -16.33
C ASN B 70 -4.61 6.23 -15.05
N ALA B 71 -5.37 6.30 -13.94
CA ALA B 71 -4.93 6.58 -12.58
C ALA B 71 -4.80 8.08 -12.28
N SER B 72 -5.06 8.97 -13.24
CA SER B 72 -5.01 10.40 -12.94
C SER B 72 -6.10 10.77 -11.94
N LEU B 73 -5.78 11.74 -11.08
CA LEU B 73 -6.71 12.18 -10.04
C LEU B 73 -7.06 13.66 -10.22
N LEU B 74 -8.34 13.98 -10.34
CA LEU B 74 -8.81 15.35 -10.40
C LEU B 74 -9.37 15.77 -9.04
N ILE B 75 -8.92 16.91 -8.53
CA ILE B 75 -9.48 17.49 -7.32
C ILE B 75 -10.07 18.84 -7.69
N GLN B 76 -11.37 19.01 -7.44
CA GLN B 76 -12.07 20.25 -7.76
C GLN B 76 -12.17 21.14 -6.53
N ASN B 77 -12.29 22.44 -6.77
CA ASN B 77 -12.58 23.41 -5.70
C ASN B 77 -11.55 23.29 -4.56
N VAL B 78 -10.28 23.40 -4.94
CA VAL B 78 -9.22 23.17 -3.97
C VAL B 78 -9.27 24.26 -2.90
N THR B 79 -8.90 23.88 -1.68
CA THR B 79 -8.77 24.78 -0.55
C THR B 79 -7.36 24.71 -0.01
N GLN B 80 -7.03 25.63 0.88
CA GLN B 80 -5.64 25.67 1.44
C GLN B 80 -5.34 24.34 2.14
N ASN B 81 -6.37 23.67 2.64
CA ASN B 81 -6.14 22.41 3.34
C ASN B 81 -5.75 21.27 2.40
N ASP B 82 -5.99 21.42 1.10
CA ASP B 82 -5.60 20.40 0.13
C ASP B 82 -4.14 20.52 -0.27
N THR B 83 -3.46 21.58 0.14
CA THR B 83 -2.09 21.77 -0.31
C THR B 83 -1.22 20.64 0.24
N GLY B 84 -0.17 20.31 -0.52
CA GLY B 84 0.88 19.43 -0.06
C GLY B 84 0.95 18.14 -0.87
N PHE B 85 1.23 17.05 -0.16
CA PHE B 85 1.66 15.79 -0.74
C PHE B 85 0.49 14.84 -0.90
N TYR B 86 0.56 14.05 -1.97
CA TYR B 86 -0.37 12.97 -2.30
C TYR B 86 0.45 11.77 -2.72
N THR B 87 -0.01 10.57 -2.38
CA THR B 87 0.73 9.35 -2.72
C THR B 87 -0.17 8.42 -3.51
N LEU B 88 0.32 7.98 -4.66
CA LEU B 88 -0.33 6.97 -5.48
C LEU B 88 0.34 5.62 -5.24
N GLN B 89 -0.47 4.58 -5.07
CA GLN B 89 0.04 3.22 -5.08
C GLN B 89 -0.62 2.51 -6.25
N VAL B 90 0.18 1.79 -7.05
CA VAL B 90 -0.39 0.93 -8.09
C VAL B 90 -0.14 -0.51 -7.68
N ILE B 91 -1.18 -1.31 -7.81
CA ILE B 91 -1.15 -2.70 -7.38
C ILE B 91 -0.86 -3.52 -8.63
N LYS B 92 0.31 -4.15 -8.67
CA LYS B 92 0.71 -4.97 -9.80
C LYS B 92 0.13 -6.37 -9.65
N SER B 93 0.11 -7.08 -10.79
CA SER B 93 -0.48 -8.41 -10.85
C SER B 93 0.27 -9.45 -10.01
N ASP B 94 1.51 -9.18 -9.62
CA ASP B 94 2.23 -10.05 -8.70
C ASP B 94 2.19 -9.55 -7.25
N LEU B 95 1.44 -8.48 -6.97
CA LEU B 95 1.28 -7.89 -5.64
C LEU B 95 2.57 -7.33 -5.07
N VAL B 96 3.60 -7.20 -5.90
CA VAL B 96 4.79 -6.45 -5.54
C VAL B 96 4.58 -5.05 -6.10
N ASN B 97 4.18 -4.13 -5.23
CA ASN B 97 3.50 -2.92 -5.66
C ASN B 97 4.45 -1.72 -5.71
N GLU B 98 3.97 -0.65 -6.33
CA GLU B 98 4.82 0.52 -6.53
C GLU B 98 4.12 1.77 -6.06
N GLU B 99 4.90 2.72 -5.59
CA GLU B 99 4.34 3.98 -5.12
C GLU B 99 5.04 5.15 -5.79
N ALA B 100 4.31 6.26 -5.90
CA ALA B 100 4.86 7.54 -6.37
C ALA B 100 4.22 8.68 -5.58
N THR B 101 5.01 9.69 -5.23
CA THR B 101 4.46 10.78 -4.45
C THR B 101 4.52 12.08 -5.24
N GLY B 102 3.37 12.75 -5.34
CA GLY B 102 3.24 14.04 -5.98
C GLY B 102 2.83 15.12 -5.00
N GLN B 103 2.64 16.32 -5.54
CA GLN B 103 2.47 17.48 -4.68
C GLN B 103 1.88 18.63 -5.47
N PHE B 104 1.06 19.45 -4.81
CA PHE B 104 0.72 20.73 -5.39
C PHE B 104 0.60 21.79 -4.29
N HIS B 105 0.56 23.04 -4.70
CA HIS B 105 0.57 24.15 -3.77
C HIS B 105 -0.58 25.08 -4.12
N VAL B 106 -1.50 25.30 -3.18
CA VAL B 106 -2.61 26.22 -3.42
C VAL B 106 -2.28 27.56 -2.79
N TYR B 107 -2.49 28.63 -3.55
CA TYR B 107 -2.19 29.99 -3.11
C TYR B 107 -3.43 30.89 -3.10
#